data_6CVX
#
_entry.id   6CVX
#
_cell.length_a   55.286
_cell.length_b   58.506
_cell.length_c   59.798
_cell.angle_alpha   90.00
_cell.angle_beta   90.00
_cell.angle_gamma   90.00
#
_symmetry.space_group_name_H-M   'P 21 21 21'
#
loop_
_entity.id
_entity.type
_entity.pdbx_description
1 polymer 'NS3 protease'
2 non-polymer N-[(cyclopentyloxy)carbonyl]-3-methyl-L-valyl-(4R)-N-[(1R,2S)-2-ethenyl-1-{[(1-methylcyclopropyl)sulfonyl]carbamoyl}cyclopropyl]-4-{[7-methoxy-3-(propan-2-yl)quinoxalin-2-yl]oxy}-L-prolinamide
3 non-polymer 'SULFATE ION'
4 non-polymer 'ZINC ION'
5 non-polymer GLYCEROL
6 water water
#
_entity_poly.entity_id   1
_entity_poly.type   'polypeptide(L)'
_entity_poly.pdbx_seq_one_letter_code
;GSHMASMKKKGSVVIVGRINLSGDTAYAQQTRGEEGCQETSQTGRDKNQVEGEVQIVSTATQTFLATSINGVLWTVYHGA
GTRTIASPKGPVTQMYTNVDKDLVGWQAPQGSRSLTPCTCGSSDLYLVTRHADVIPVRRRGDSRGSLLSPRPISYLKGSS
GGPLLCPAGHAVGIFRAAVCTRGVAKAVDFIPVESLETTMR
;
_entity_poly.pdbx_strand_id   A
#
# COMPACT_ATOMS: atom_id res chain seq x y z
N GLY A 1 15.36 24.71 11.03
CA GLY A 1 16.67 25.23 11.24
C GLY A 1 16.87 26.48 10.39
N SER A 2 17.80 27.34 10.77
CA SER A 2 18.09 28.51 9.97
C SER A 2 19.30 28.30 9.05
N HIS A 3 20.00 27.18 9.18
CA HIS A 3 21.24 26.94 8.43
C HIS A 3 20.93 25.98 7.29
N MET A 4 20.64 26.54 6.12
CA MET A 4 20.12 25.73 5.05
C MET A 4 21.16 24.74 4.56
N ALA A 5 22.44 25.08 4.61
CA ALA A 5 23.41 24.19 4.01
C ALA A 5 23.45 22.84 4.71
N SER A 6 23.00 22.78 5.96
CA SER A 6 23.06 21.50 6.70
C SER A 6 21.67 20.90 6.89
N MET A 7 20.67 21.45 6.20
CA MET A 7 19.34 20.86 6.29
C MET A 7 19.36 19.52 5.57
N LYS A 8 18.75 18.53 6.20
CA LYS A 8 18.70 17.19 5.66
C LYS A 8 17.52 17.06 4.69
N LYS A 9 17.51 15.95 4.00
CA LYS A 9 16.49 15.60 3.02
C LYS A 9 15.90 14.27 3.46
N LYS A 10 14.58 14.13 3.40
CA LYS A 10 13.99 12.84 3.68
C LYS A 10 14.34 11.87 2.53
N GLY A 11 14.50 10.61 2.90
CA GLY A 11 14.77 9.61 1.91
C GLY A 11 13.52 9.22 1.15
N SER A 12 13.72 8.37 0.16
CA SER A 12 12.64 7.84 -0.65
C SER A 12 11.95 6.68 0.07
N VAL A 13 10.68 6.47 -0.27
CA VAL A 13 10.05 5.17 0.00
C VAL A 13 10.78 4.10 -0.83
N VAL A 14 10.97 2.93 -0.25
CA VAL A 14 11.68 1.81 -0.87
C VAL A 14 10.82 0.56 -0.86
N ILE A 15 10.72 -0.12 -2.02
CA ILE A 15 10.11 -1.43 -2.08
C ILE A 15 11.05 -2.46 -1.49
N VAL A 16 10.61 -3.14 -0.43
CA VAL A 16 11.43 -4.12 0.25
C VAL A 16 10.91 -5.55 0.11
N GLY A 17 9.76 -5.75 -0.53
CA GLY A 17 9.28 -7.09 -0.76
C GLY A 17 7.93 -7.03 -1.38
N ARG A 18 7.23 -8.17 -1.36
CA ARG A 18 5.92 -8.20 -2.01
C ARG A 18 5.03 -9.22 -1.36
N ILE A 19 3.72 -9.09 -1.59
CA ILE A 19 2.79 -10.15 -1.23
C ILE A 19 2.50 -10.93 -2.50
N ASN A 20 2.96 -12.18 -2.53
CA ASN A 20 2.84 -13.02 -3.72
C ASN A 20 1.46 -13.64 -3.75
N LEU A 21 0.71 -13.28 -4.79
CA LEU A 21 -0.64 -13.77 -4.98
C LEU A 21 -0.77 -14.53 -6.32
N SER A 22 0.35 -14.96 -6.90
CA SER A 22 0.32 -15.47 -8.26
C SER A 22 -0.08 -16.93 -8.33
N GLY A 23 0.05 -17.68 -7.23
CA GLY A 23 -0.24 -19.10 -7.26
C GLY A 23 -1.45 -19.43 -6.42
N ASP A 24 -1.45 -20.60 -5.80
CA ASP A 24 -2.53 -21.05 -4.95
C ASP A 24 -2.37 -20.68 -3.49
N THR A 25 -1.22 -20.14 -3.10
CA THR A 25 -0.91 -19.79 -1.72
C THR A 25 -0.44 -18.35 -1.67
N ALA A 26 -0.98 -17.57 -0.75
CA ALA A 26 -0.53 -16.19 -0.61
C ALA A 26 0.64 -16.21 0.37
N TYR A 27 1.74 -15.53 0.03
CA TYR A 27 2.83 -15.46 0.97
C TYR A 27 3.63 -14.21 0.73
N ALA A 28 4.18 -13.71 1.85
CA ALA A 28 5.13 -12.59 1.80
C ALA A 28 6.52 -13.02 1.35
N GLN A 29 7.15 -12.15 0.57
CA GLN A 29 8.54 -12.29 0.14
C GLN A 29 9.29 -11.01 0.46
N GLN A 30 10.50 -11.15 1.03
CA GLN A 30 11.37 -10.00 1.18
C GLN A 30 12.35 -9.99 0.02
N THR A 31 12.52 -8.83 -0.59
CA THR A 31 13.45 -8.67 -1.71
C THR A 31 14.64 -7.77 -1.37
N ARG A 32 14.60 -7.05 -0.27
CA ARG A 32 15.71 -6.20 0.19
C ARG A 32 15.75 -6.13 1.70
N GLY A 33 16.98 -6.34 2.29
CA GLY A 33 17.16 -6.25 3.72
C GLY A 33 17.39 -4.80 4.23
N GLU A 34 17.39 -4.68 5.56
CA GLU A 34 17.22 -3.38 6.22
C GLU A 34 18.36 -2.43 5.85
N GLU A 35 19.57 -2.96 5.67
CA GLU A 35 20.71 -2.13 5.34
C GLU A 35 20.60 -1.58 3.93
N GLY A 36 20.36 -2.47 2.96
CA GLY A 36 20.25 -2.03 1.58
C GLY A 36 19.03 -1.15 1.34
N CYS A 37 17.98 -1.34 2.13
CA CYS A 37 16.87 -0.38 2.14
C CYS A 37 17.35 1.02 2.54
N GLN A 38 18.10 1.10 3.64
CA GLN A 38 18.63 2.38 4.09
C GLN A 38 19.40 3.08 2.99
N GLU A 39 20.30 2.36 2.32
CA GLU A 39 21.10 2.95 1.26
C GLU A 39 20.24 3.39 0.07
N THR A 40 19.25 2.57 -0.28
CA THR A 40 18.38 2.88 -1.42
C THR A 40 17.50 4.07 -1.11
N SER A 41 17.13 4.22 0.14
CA SER A 41 16.30 5.36 0.53
C SER A 41 17.05 6.67 0.38
N GLN A 42 18.37 6.67 0.69
CA GLN A 42 19.14 7.90 0.58
C GLN A 42 19.45 8.23 -0.86
N THR A 43 19.75 7.24 -1.68
CA THR A 43 20.08 7.50 -3.06
C THR A 43 18.85 7.65 -3.96
N GLY A 44 17.75 6.98 -3.60
CA GLY A 44 16.63 6.93 -4.52
C GLY A 44 16.81 6.04 -5.73
N ARG A 45 17.86 5.22 -5.73
CA ARG A 45 18.23 4.42 -6.87
C ARG A 45 18.02 2.95 -6.51
N ASP A 46 16.99 2.35 -7.09
CA ASP A 46 16.61 0.98 -6.76
C ASP A 46 16.60 0.20 -8.05
N LYS A 47 17.60 -0.65 -8.22
CA LYS A 47 17.69 -1.48 -9.41
C LYS A 47 17.09 -2.87 -9.23
N ASN A 48 16.45 -3.15 -8.08
CA ASN A 48 15.94 -4.49 -7.89
C ASN A 48 14.72 -4.74 -8.75
N GLN A 49 14.57 -6.00 -9.18
CA GLN A 49 13.42 -6.39 -9.97
C GLN A 49 12.16 -6.34 -9.12
N VAL A 50 11.10 -5.75 -9.70
CA VAL A 50 9.80 -5.64 -9.04
C VAL A 50 8.85 -6.58 -9.76
N GLU A 51 8.02 -7.27 -9.01
CA GLU A 51 7.03 -8.17 -9.57
C GLU A 51 5.76 -8.00 -8.76
N GLY A 52 4.63 -8.23 -9.39
CA GLY A 52 3.39 -8.40 -8.64
C GLY A 52 2.64 -7.11 -8.40
N GLU A 53 1.50 -7.25 -7.71
CA GLU A 53 0.54 -6.16 -7.51
C GLU A 53 0.70 -5.46 -6.19
N VAL A 54 1.06 -6.20 -5.17
CA VAL A 54 1.10 -5.67 -3.80
C VAL A 54 2.54 -5.68 -3.33
N GLN A 55 3.08 -4.47 -3.08
CA GLN A 55 4.45 -4.30 -2.62
C GLN A 55 4.48 -4.01 -1.13
N ILE A 56 5.52 -4.49 -0.49
CA ILE A 56 5.85 -4.08 0.86
C ILE A 56 6.86 -2.94 0.75
N VAL A 57 6.56 -1.80 1.37
CA VAL A 57 7.41 -0.63 1.25
C VAL A 57 7.86 -0.15 2.63
N SER A 58 8.95 0.60 2.64
CA SER A 58 9.51 1.13 3.88
C SER A 58 10.10 2.50 3.67
N THR A 59 10.03 3.29 4.74
CA THR A 59 10.87 4.48 4.93
C THR A 59 11.87 4.18 6.04
N ALA A 60 12.56 5.22 6.48
CA ALA A 60 13.49 5.00 7.57
C ALA A 60 12.79 4.61 8.86
N THR A 61 11.51 4.98 9.01
CA THR A 61 10.83 4.86 10.28
C THR A 61 9.55 4.03 10.23
N GLN A 62 9.04 3.68 9.05
CA GLN A 62 7.77 2.95 8.97
C GLN A 62 7.84 1.89 7.86
N THR A 63 6.95 0.90 7.96
CA THR A 63 6.79 -0.07 6.89
C THR A 63 5.29 -0.33 6.72
N PHE A 64 4.86 -0.48 5.48
CA PHE A 64 3.45 -0.55 5.11
C PHE A 64 3.41 -1.17 3.72
N LEU A 65 2.26 -1.10 3.07
CA LEU A 65 2.05 -1.73 1.76
C LEU A 65 1.78 -0.66 0.70
N ALA A 66 1.87 -1.08 -0.55
CA ALA A 66 1.50 -0.23 -1.69
C ALA A 66 0.98 -1.15 -2.78
N THR A 67 -0.07 -0.72 -3.49
CA THR A 67 -0.87 -1.58 -4.38
C THR A 67 -0.99 -0.95 -5.74
N SER A 68 -0.71 -1.70 -6.79
CA SER A 68 -0.83 -1.15 -8.16
CA SER A 68 -0.83 -1.16 -8.15
C SER A 68 -2.23 -1.36 -8.68
N ILE A 69 -2.88 -0.26 -9.13
CA ILE A 69 -4.18 -0.28 -9.77
C ILE A 69 -4.11 0.72 -10.94
N ASN A 70 -4.54 0.30 -12.12
CA ASN A 70 -4.56 1.20 -13.28
C ASN A 70 -3.17 1.82 -13.54
N GLY A 71 -2.08 1.10 -13.31
CA GLY A 71 -0.79 1.64 -13.68
C GLY A 71 -0.19 2.64 -12.71
N VAL A 72 -0.75 2.74 -11.52
CA VAL A 72 -0.32 3.64 -10.44
C VAL A 72 -0.11 2.78 -9.20
N LEU A 73 1.03 2.95 -8.53
CA LEU A 73 1.28 2.35 -7.23
C LEU A 73 0.75 3.30 -6.16
N TRP A 74 -0.32 2.87 -5.49
CA TRP A 74 -1.01 3.67 -4.49
C TRP A 74 -0.62 3.28 -3.07
N THR A 75 -0.55 4.28 -2.18
CA THR A 75 -0.44 3.97 -0.77
C THR A 75 -1.05 5.12 0.03
N VAL A 76 -0.81 5.09 1.34
CA VAL A 76 -1.36 6.06 2.27
C VAL A 76 -0.40 7.20 2.55
N TYR A 77 -0.95 8.41 2.63
CA TYR A 77 -0.15 9.60 2.97
C TYR A 77 0.44 9.47 4.37
N HIS A 78 -0.25 8.83 5.30
CA HIS A 78 0.28 8.76 6.68
C HIS A 78 1.49 7.84 6.74
N GLY A 79 1.71 7.02 5.73
CA GLY A 79 2.94 6.26 5.58
C GLY A 79 4.02 6.95 4.77
N ALA A 80 3.66 7.47 3.61
CA ALA A 80 4.65 8.00 2.69
C ALA A 80 4.86 9.50 2.77
N GLY A 81 3.92 10.24 3.34
CA GLY A 81 3.98 11.70 3.21
C GLY A 81 4.10 12.08 1.75
N THR A 82 4.90 13.13 1.48
CA THR A 82 5.18 13.58 0.15
C THR A 82 6.44 12.94 -0.47
N ARG A 83 6.92 11.83 0.08
CA ARG A 83 8.20 11.30 -0.37
C ARG A 83 8.15 10.78 -1.80
N THR A 84 9.31 10.87 -2.45
CA THR A 84 9.61 10.16 -3.66
C THR A 84 9.68 8.68 -3.39
N ILE A 85 9.59 7.88 -4.49
CA ILE A 85 9.86 6.44 -4.41
C ILE A 85 11.15 6.16 -5.16
N ALA A 86 11.95 5.24 -4.63
CA ALA A 86 13.19 4.83 -5.30
C ALA A 86 12.87 3.99 -6.52
N SER A 87 13.68 4.20 -7.57
CA SER A 87 13.41 3.72 -8.91
C SER A 87 14.75 3.43 -9.56
N PRO A 88 14.77 2.70 -10.64
CA PRO A 88 16.10 2.35 -11.24
C PRO A 88 16.92 3.55 -11.65
N LYS A 89 16.26 4.65 -11.97
CA LYS A 89 16.91 5.84 -12.52
C LYS A 89 16.92 7.01 -11.57
N GLY A 90 16.61 6.77 -10.30
CA GLY A 90 16.62 7.81 -9.32
C GLY A 90 15.21 8.03 -8.78
N PRO A 91 15.09 9.00 -7.87
CA PRO A 91 13.82 9.20 -7.19
C PRO A 91 12.74 9.66 -8.15
N VAL A 92 11.54 9.16 -7.91
CA VAL A 92 10.35 9.49 -8.70
C VAL A 92 9.33 10.21 -7.83
N THR A 93 8.89 11.38 -8.29
CA THR A 93 7.98 12.25 -7.51
C THR A 93 6.56 11.67 -7.61
N GLN A 94 5.80 11.81 -6.53
CA GLN A 94 4.40 11.43 -6.58
C GLN A 94 3.71 12.08 -7.74
N MET A 95 2.83 11.33 -8.42
CA MET A 95 1.93 11.94 -9.39
C MET A 95 0.57 12.23 -8.81
N TYR A 96 0.24 11.64 -7.67
CA TYR A 96 -0.98 11.99 -6.94
C TYR A 96 -0.64 12.17 -5.46
N THR A 97 -1.22 13.19 -4.86
CA THR A 97 -1.12 13.43 -3.41
C THR A 97 -2.42 13.99 -2.93
N ASN A 98 -3.10 13.29 -2.03
CA ASN A 98 -4.35 13.84 -1.46
C ASN A 98 -4.43 13.56 0.03
N VAL A 99 -4.00 14.54 0.84
CA VAL A 99 -3.95 14.37 2.28
C VAL A 99 -5.33 14.17 2.84
N ASP A 100 -6.34 14.73 2.17
CA ASP A 100 -7.70 14.65 2.68
C ASP A 100 -8.28 13.25 2.53
N LYS A 101 -7.76 12.47 1.61
CA LYS A 101 -8.13 11.07 1.45
C LYS A 101 -7.07 10.13 2.05
N ASP A 102 -5.99 10.66 2.60
CA ASP A 102 -4.87 9.89 3.06
C ASP A 102 -4.28 9.04 1.96
N LEU A 103 -4.11 9.66 0.76
CA LEU A 103 -3.79 8.93 -0.46
C LEU A 103 -2.62 9.53 -1.21
N VAL A 104 -1.69 8.67 -1.66
CA VAL A 104 -0.67 9.10 -2.61
C VAL A 104 -0.51 8.03 -3.70
N GLY A 105 0.12 8.42 -4.77
CA GLY A 105 0.40 7.48 -5.83
C GLY A 105 1.60 7.93 -6.62
N TRP A 106 2.31 6.95 -7.15
CA TRP A 106 3.41 7.10 -8.09
C TRP A 106 3.13 6.25 -9.31
N GLN A 107 3.73 6.60 -10.43
CA GLN A 107 3.72 5.72 -11.58
C GLN A 107 4.19 4.33 -11.16
N ALA A 108 3.52 3.31 -11.69
CA ALA A 108 3.82 1.95 -11.23
C ALA A 108 5.18 1.49 -11.75
N PRO A 109 5.97 0.84 -10.90
CA PRO A 109 7.32 0.39 -11.32
C PRO A 109 7.29 -0.58 -12.47
N GLN A 110 8.30 -0.48 -13.33
CA GLN A 110 8.44 -1.45 -14.39
C GLN A 110 8.53 -2.82 -13.77
N GLY A 111 7.80 -3.77 -14.30
CA GLY A 111 7.80 -5.11 -13.77
C GLY A 111 6.61 -5.42 -12.91
N SER A 112 5.99 -4.42 -12.31
CA SER A 112 4.80 -4.67 -11.51
C SER A 112 3.64 -5.07 -12.44
N ARG A 113 2.59 -5.61 -11.83
CA ARG A 113 1.32 -5.88 -12.47
C ARG A 113 0.26 -5.10 -11.71
N SER A 114 -0.77 -4.65 -12.42
CA SER A 114 -1.80 -3.82 -11.81
C SER A 114 -3.09 -4.60 -11.63
N LEU A 115 -3.77 -4.37 -10.52
CA LEU A 115 -5.13 -4.85 -10.36
C LEU A 115 -6.11 -4.04 -11.23
N THR A 116 -7.23 -4.68 -11.63
CA THR A 116 -8.29 -4.03 -12.36
C THR A 116 -9.34 -3.46 -11.41
N PRO A 117 -9.75 -2.22 -11.56
CA PRO A 117 -10.81 -1.67 -10.70
C PRO A 117 -12.10 -2.50 -10.81
N CYS A 118 -12.71 -2.76 -9.66
CA CYS A 118 -13.90 -3.61 -9.63
C CYS A 118 -15.14 -2.88 -10.15
N THR A 119 -15.91 -3.58 -11.01
CA THR A 119 -17.20 -3.11 -11.48
C THR A 119 -18.32 -4.09 -11.16
N CYS A 120 -18.09 -4.99 -10.20
CA CYS A 120 -19.01 -6.08 -9.87
C CYS A 120 -20.18 -5.60 -9.02
N GLY A 121 -20.02 -4.53 -8.27
CA GLY A 121 -21.07 -4.09 -7.37
C GLY A 121 -21.35 -5.05 -6.26
N SER A 122 -20.34 -5.85 -5.84
CA SER A 122 -20.43 -6.99 -4.88
C SER A 122 -19.91 -6.55 -3.52
N SER A 123 -20.50 -7.04 -2.43
CA SER A 123 -20.08 -6.63 -1.09
C SER A 123 -19.34 -7.69 -0.31
N ASP A 124 -18.95 -8.80 -0.96
CA ASP A 124 -18.18 -9.83 -0.28
C ASP A 124 -16.73 -9.56 -0.68
N LEU A 125 -15.95 -9.01 0.26
CA LEU A 125 -14.59 -8.57 -0.01
C LEU A 125 -13.57 -9.36 0.78
N TYR A 126 -12.29 -9.11 0.43
CA TYR A 126 -11.15 -9.80 1.02
C TYR A 126 -10.03 -8.80 1.17
N LEU A 127 -9.55 -8.65 2.41
CA LEU A 127 -8.43 -7.78 2.70
C LEU A 127 -7.14 -8.59 2.74
N VAL A 128 -6.09 -8.10 2.09
CA VAL A 128 -4.80 -8.78 2.08
C VAL A 128 -3.82 -8.00 2.95
N THR A 129 -3.25 -8.67 3.96
CA THR A 129 -2.33 -8.01 4.87
C THR A 129 -0.86 -8.23 4.50
N ARG A 130 0.02 -7.52 5.23
CA ARG A 130 1.44 -7.56 4.96
C ARG A 130 2.04 -8.90 5.33
N HIS A 131 1.29 -9.72 6.03
CA HIS A 131 1.71 -11.08 6.35
C HIS A 131 1.10 -12.12 5.45
N ALA A 132 0.43 -11.66 4.37
CA ALA A 132 -0.26 -12.43 3.36
C ALA A 132 -1.45 -13.19 3.94
N ASP A 133 -2.01 -12.65 5.02
CA ASP A 133 -3.28 -13.18 5.52
C ASP A 133 -4.38 -12.62 4.62
N VAL A 134 -5.36 -13.45 4.30
CA VAL A 134 -6.52 -12.99 3.52
C VAL A 134 -7.71 -12.97 4.47
N ILE A 135 -8.28 -11.79 4.67
CA ILE A 135 -9.26 -11.56 5.71
C ILE A 135 -10.61 -11.28 5.03
N PRO A 136 -11.60 -12.15 5.16
CA PRO A 136 -12.92 -11.82 4.60
C PRO A 136 -13.51 -10.60 5.30
N VAL A 137 -14.12 -9.76 4.50
CA VAL A 137 -14.66 -8.46 4.91
C VAL A 137 -15.98 -8.27 4.18
N ARG A 138 -17.05 -7.99 4.93
CA ARG A 138 -18.33 -7.66 4.32
C ARG A 138 -18.40 -6.14 4.16
N ARG A 139 -18.65 -5.69 2.93
CA ARG A 139 -18.75 -4.24 2.70
C ARG A 139 -20.00 -3.71 3.41
N ARG A 140 -19.83 -2.59 4.11
CA ARG A 140 -20.88 -2.03 4.95
C ARG A 140 -21.23 -0.58 4.61
N GLY A 141 -20.50 0.03 3.69
CA GLY A 141 -20.78 1.38 3.22
C GLY A 141 -19.84 1.67 2.08
N ASP A 142 -19.78 2.94 1.70
CA ASP A 142 -18.87 3.36 0.62
C ASP A 142 -17.42 3.07 0.98
N SER A 143 -17.06 3.29 2.23
CA SER A 143 -15.66 3.22 2.62
C SER A 143 -15.43 2.38 3.88
N ARG A 144 -16.37 1.51 4.25
CA ARG A 144 -16.26 0.71 5.47
C ARG A 144 -16.56 -0.75 5.14
N GLY A 145 -15.93 -1.65 5.87
CA GLY A 145 -16.31 -3.06 5.78
C GLY A 145 -16.01 -3.71 7.10
N SER A 146 -16.78 -4.73 7.45
CA SER A 146 -16.63 -5.41 8.73
C SER A 146 -15.83 -6.70 8.55
N LEU A 147 -14.97 -6.99 9.53
CA LEU A 147 -14.26 -8.27 9.51
C LEU A 147 -15.24 -9.36 9.92
N LEU A 148 -15.31 -10.43 9.13
CA LEU A 148 -16.15 -11.55 9.53
C LEU A 148 -15.64 -12.14 10.83
N SER A 149 -14.33 -12.15 11.02
CA SER A 149 -13.70 -12.59 12.27
C SER A 149 -12.82 -11.47 12.78
N PRO A 150 -13.24 -10.72 13.76
CA PRO A 150 -12.41 -9.62 14.27
C PRO A 150 -11.04 -10.08 14.76
N ARG A 151 -10.07 -9.18 14.64
CA ARG A 151 -8.70 -9.45 15.02
C ARG A 151 -8.14 -8.27 15.81
N PRO A 152 -7.14 -8.51 16.64
CA PRO A 152 -6.52 -7.39 17.33
C PRO A 152 -5.86 -6.44 16.35
N ILE A 153 -5.79 -5.16 16.72
CA ILE A 153 -5.19 -4.16 15.84
C ILE A 153 -3.80 -4.61 15.38
N SER A 154 -3.08 -5.32 16.24
CA SER A 154 -1.70 -5.72 15.91
C SER A 154 -1.62 -6.49 14.61
N TYR A 155 -2.69 -7.25 14.30
CA TYR A 155 -2.72 -8.15 13.18
C TYR A 155 -2.79 -7.38 11.88
N LEU A 156 -3.35 -6.18 11.95
CA LEU A 156 -3.53 -5.29 10.82
C LEU A 156 -2.46 -4.22 10.69
N LYS A 157 -1.73 -3.92 11.77
CA LYS A 157 -0.71 -2.88 11.74
C LYS A 157 0.32 -3.18 10.66
N GLY A 158 0.65 -2.15 9.87
CA GLY A 158 1.59 -2.27 8.78
C GLY A 158 0.96 -2.68 7.47
N SER A 159 -0.38 -2.74 7.40
CA SER A 159 -1.05 -3.19 6.21
C SER A 159 -1.80 -2.07 5.49
N SER A 160 -1.73 -0.83 6.01
CA SER A 160 -2.27 0.28 5.25
C SER A 160 -1.61 0.30 3.90
N GLY A 161 -2.38 0.73 2.88
CA GLY A 161 -1.92 0.63 1.52
C GLY A 161 -2.20 -0.69 0.83
N GLY A 162 -2.63 -1.71 1.56
CA GLY A 162 -2.99 -2.99 0.99
C GLY A 162 -4.37 -2.99 0.39
N PRO A 163 -4.67 -4.00 -0.41
CA PRO A 163 -5.94 -4.00 -1.15
C PRO A 163 -7.08 -4.70 -0.42
N LEU A 164 -8.28 -4.21 -0.70
CA LEU A 164 -9.49 -5.01 -0.59
C LEU A 164 -9.91 -5.42 -1.99
N LEU A 165 -10.17 -6.71 -2.17
CA LEU A 165 -10.46 -7.31 -3.44
C LEU A 165 -11.87 -7.92 -3.43
N CYS A 166 -12.47 -8.01 -4.60
CA CYS A 166 -13.75 -8.73 -4.77
C CYS A 166 -13.47 -10.20 -5.01
N PRO A 167 -14.53 -11.02 -5.04
CA PRO A 167 -14.33 -12.45 -5.28
C PRO A 167 -13.61 -12.76 -6.58
N ALA A 168 -13.67 -11.89 -7.60
CA ALA A 168 -12.97 -12.10 -8.85
C ALA A 168 -11.54 -11.56 -8.84
N GLY A 169 -11.11 -10.94 -7.77
CA GLY A 169 -9.75 -10.43 -7.71
C GLY A 169 -9.60 -9.02 -8.21
N HIS A 170 -10.69 -8.31 -8.40
CA HIS A 170 -10.62 -6.91 -8.74
C HIS A 170 -10.30 -6.09 -7.50
N ALA A 171 -9.72 -4.90 -7.72
CA ALA A 171 -9.49 -3.97 -6.61
C ALA A 171 -10.77 -3.22 -6.29
N VAL A 172 -11.19 -3.27 -5.02
CA VAL A 172 -12.30 -2.50 -4.50
C VAL A 172 -11.85 -1.29 -3.70
N GLY A 173 -10.72 -1.39 -3.02
CA GLY A 173 -10.27 -0.26 -2.20
C GLY A 173 -8.88 -0.47 -1.66
N ILE A 174 -8.35 0.57 -1.04
CA ILE A 174 -7.03 0.61 -0.44
C ILE A 174 -7.23 0.81 1.07
N PHE A 175 -6.72 -0.14 1.87
CA PHE A 175 -6.87 -0.10 3.33
C PHE A 175 -6.20 1.14 3.92
N ARG A 176 -6.95 1.89 4.72
CA ARG A 176 -6.48 3.13 5.29
C ARG A 176 -6.44 3.13 6.81
N ALA A 177 -7.49 2.66 7.47
CA ALA A 177 -7.51 2.80 8.93
C ALA A 177 -8.36 1.68 9.50
N ALA A 178 -8.08 1.30 10.74
CA ALA A 178 -8.88 0.27 11.40
C ALA A 178 -9.91 0.90 12.32
N VAL A 179 -11.07 0.28 12.41
CA VAL A 179 -12.15 0.70 13.30
C VAL A 179 -12.05 -0.19 14.51
N CYS A 180 -11.62 0.38 15.62
CA CYS A 180 -11.12 -0.36 16.75
C CYS A 180 -11.97 -0.10 18.00
N THR A 181 -12.25 -1.16 18.73
CA THR A 181 -12.91 -1.13 20.04
C THR A 181 -12.06 -1.97 21.00
N ARG A 182 -11.47 -1.32 21.98
CA ARG A 182 -10.68 -2.03 23.00
C ARG A 182 -9.58 -2.85 22.34
N GLY A 183 -8.95 -2.26 21.34
CA GLY A 183 -7.85 -2.92 20.65
C GLY A 183 -8.24 -3.99 19.67
N VAL A 184 -9.56 -4.26 19.45
CA VAL A 184 -9.97 -5.28 18.51
C VAL A 184 -10.52 -4.57 17.27
N ALA A 185 -10.03 -4.97 16.12
CA ALA A 185 -10.49 -4.37 14.86
C ALA A 185 -11.75 -5.13 14.45
N LYS A 186 -12.93 -4.49 14.55
CA LYS A 186 -14.15 -5.10 14.04
C LYS A 186 -14.44 -4.70 12.60
N ALA A 187 -13.84 -3.61 12.14
CA ALA A 187 -14.13 -3.07 10.79
C ALA A 187 -12.91 -2.34 10.28
N VAL A 188 -12.93 -2.07 8.99
CA VAL A 188 -11.86 -1.31 8.34
C VAL A 188 -12.45 -0.16 7.54
N ASP A 189 -11.64 0.88 7.40
CA ASP A 189 -11.87 2.05 6.57
C ASP A 189 -10.92 1.96 5.38
N PHE A 190 -11.47 2.18 4.18
CA PHE A 190 -10.68 2.06 2.97
C PHE A 190 -11.03 3.16 1.98
N ILE A 191 -10.05 3.50 1.13
CA ILE A 191 -10.25 4.44 0.03
C ILE A 191 -10.92 3.67 -1.10
N PRO A 192 -12.15 3.97 -1.47
CA PRO A 192 -12.80 3.21 -2.56
C PRO A 192 -12.06 3.41 -3.87
N VAL A 193 -12.09 2.39 -4.72
CA VAL A 193 -11.38 2.53 -6.01
C VAL A 193 -11.99 3.65 -6.84
N GLU A 194 -13.26 3.92 -6.64
CA GLU A 194 -13.85 5.06 -7.38
C GLU A 194 -13.23 6.39 -6.99
N SER A 195 -12.85 6.50 -5.72
CA SER A 195 -12.18 7.70 -5.25
C SER A 195 -10.80 7.81 -5.86
N LEU A 196 -10.09 6.68 -5.98
CA LEU A 196 -8.84 6.68 -6.73
C LEU A 196 -9.06 7.18 -8.13
N GLU A 197 -10.10 6.67 -8.80
CA GLU A 197 -10.32 7.05 -10.21
C GLU A 197 -10.70 8.52 -10.34
N THR A 198 -11.49 9.06 -9.43
CA THR A 198 -11.72 10.52 -9.46
C THR A 198 -10.42 11.27 -9.26
N THR A 199 -9.59 10.85 -8.30
CA THR A 199 -8.27 11.49 -8.14
C THR A 199 -7.46 11.44 -9.42
N MET A 200 -7.55 10.35 -10.18
CA MET A 200 -6.83 10.27 -11.45
C MET A 200 -7.34 11.32 -12.47
#